data_6X6Q
#
_entry.id   6X6Q
#
_cell.length_a   50.165
_cell.length_b   60.717
_cell.length_c   63.658
_cell.angle_alpha   66.612
_cell.angle_beta   72.536
_cell.angle_gamma   68.582
#
_symmetry.space_group_name_H-M   'P 1'
#
loop_
_entity.id
_entity.type
_entity.pdbx_description
1 polymer 'Antifreeze protein'
2 polymer ASP-SER-ASP
3 non-polymer 'CALCIUM ION'
4 non-polymer 'PENTAETHYLENE GLYCOL'
5 water water
#
loop_
_entity_poly.entity_id
_entity_poly.type
_entity_poly.pdbx_seq_one_letter_code
_entity_poly.pdbx_strand_id
1 'polypeptide(L)'
;TEATAGTVTVNAITSDDTIDGIELGQTISISGKAVGGDISVGDVVKMTINNTEYSTTVKAGGIWMIAGVLGSDLAADSEF
DVVVTSSDAAGNKVQSIGTSTHSVDLSAEANFSLAEGQQHVLTNLPEGFGFPDGTTEVVTNFGGTITLGDDGEYRYDAPV
RDHGDAVSDKDSVTVTLEDGRTFTVNLDIQDSAPVAVDDQDSIVVQHEEFEVSEIAASWVSYTHGESVTTFDGTSDLGGV
DNDSAKDQIRWGNPAESKQSGYGFIDNDSNLEGRFDLNQDISVGTFTHYNYPVYSGGAITSAEMSVEFSVLDHLGVSTPV
TLTVNFDHNETPNTNDVNASRDIVTVQNTHVTFERDGDIYTVQIVGFREVGNPDGEVVTSIYTNENAATSYELVVRVVEG
DGYSLPSTEGNIFDDNGLGADSLGADGSVTVVGVAVGAIVSSNESVGHSIEGQYGNLVLNSDGSYVYDVTASVSDIPAGA
TESFAYLIQDQDGSTSSANLSINVGTN
;
A
2 'polypeptide(L)' DSD B
#
loop_
_chem_comp.id
_chem_comp.type
_chem_comp.name
_chem_comp.formula
1PE non-polymer 'PENTAETHYLENE GLYCOL' 'C10 H22 O6'
CA non-polymer 'CALCIUM ION' 'Ca 2'
#
# COMPACT_ATOMS: atom_id res chain seq x y z
N ALA A 3 3.06 8.84 -89.63
CA ALA A 3 3.76 9.06 -88.38
C ALA A 3 3.37 8.01 -87.32
N THR A 4 4.38 7.28 -86.86
CA THR A 4 4.20 6.27 -85.83
C THR A 4 4.54 6.87 -84.46
N ALA A 5 3.61 6.77 -83.53
CA ALA A 5 3.82 7.26 -82.19
C ALA A 5 4.80 6.36 -81.46
N GLY A 6 5.52 6.95 -80.49
CA GLY A 6 6.40 6.24 -79.62
C GLY A 6 5.79 6.05 -78.25
N THR A 7 6.61 5.55 -77.36
CA THR A 7 6.27 5.36 -75.96
C THR A 7 6.85 6.53 -75.17
N VAL A 8 5.97 7.23 -74.46
CA VAL A 8 6.35 8.33 -73.58
C VAL A 8 6.14 7.85 -72.16
N THR A 9 7.20 7.90 -71.35
N THR A 9 7.20 7.88 -71.36
CA THR A 9 7.17 7.48 -69.96
CA THR A 9 7.15 7.48 -69.96
C THR A 9 7.64 8.61 -69.07
C THR A 9 7.63 8.63 -69.08
N VAL A 10 7.05 8.70 -67.88
CA VAL A 10 7.40 9.71 -66.89
C VAL A 10 7.93 8.98 -65.66
N ASN A 11 9.12 9.36 -65.21
CA ASN A 11 9.69 8.77 -64.02
C ASN A 11 8.92 9.20 -62.78
N ALA A 12 9.20 8.54 -61.66
CA ALA A 12 8.53 8.88 -60.41
C ALA A 12 8.78 10.34 -60.06
N ILE A 13 7.76 10.97 -59.49
CA ILE A 13 7.83 12.37 -59.08
C ILE A 13 8.50 12.38 -57.70
N THR A 14 9.80 12.66 -57.68
CA THR A 14 10.65 12.43 -56.51
C THR A 14 10.74 10.93 -56.28
N SER A 15 11.60 10.50 -55.35
CA SER A 15 11.95 9.09 -55.27
C SER A 15 10.74 8.24 -54.86
N ASP A 16 9.89 8.76 -53.99
CA ASP A 16 8.74 8.01 -53.50
C ASP A 16 7.46 8.34 -54.25
N ASP A 17 7.55 9.11 -55.34
CA ASP A 17 6.41 9.41 -56.19
C ASP A 17 5.31 10.14 -55.45
N THR A 18 5.68 10.94 -54.45
CA THR A 18 4.71 11.73 -53.70
C THR A 18 5.37 13.04 -53.28
N ILE A 19 4.60 14.12 -53.29
CA ILE A 19 5.07 15.43 -52.86
C ILE A 19 4.71 15.60 -51.40
N ASP A 20 5.71 15.84 -50.56
CA ASP A 20 5.48 16.03 -49.13
C ASP A 20 5.61 17.51 -48.78
N GLY A 21 5.49 17.80 -47.48
CA GLY A 21 5.45 19.17 -47.02
C GLY A 21 6.74 19.93 -47.19
N ILE A 22 7.87 19.23 -47.27
CA ILE A 22 9.15 19.89 -47.49
C ILE A 22 9.37 20.15 -48.97
N GLU A 23 9.09 19.16 -49.80
CA GLU A 23 9.17 19.35 -51.25
C GLU A 23 8.21 20.42 -51.74
N LEU A 24 7.12 20.67 -51.00
CA LEU A 24 6.15 21.67 -51.41
C LEU A 24 6.80 23.02 -51.67
N GLY A 25 7.86 23.35 -50.92
CA GLY A 25 8.49 24.64 -51.05
C GLY A 25 9.76 24.63 -51.87
N GLN A 26 9.95 23.59 -52.67
CA GLN A 26 11.17 23.38 -53.43
C GLN A 26 10.86 23.28 -54.92
N THR A 27 11.91 23.40 -55.72
CA THR A 27 11.83 23.19 -57.17
C THR A 27 12.22 21.76 -57.48
N ILE A 28 11.45 21.11 -58.34
CA ILE A 28 11.54 19.65 -58.51
C ILE A 28 11.75 19.32 -59.98
N SER A 29 12.83 18.60 -60.27
CA SER A 29 13.09 18.13 -61.62
C SER A 29 12.15 16.99 -61.97
N ILE A 30 11.53 17.07 -63.15
CA ILE A 30 10.74 15.98 -63.70
C ILE A 30 11.55 15.33 -64.79
N SER A 31 11.37 14.03 -65.00
CA SER A 31 12.13 13.40 -66.07
C SER A 31 11.41 12.18 -66.59
N GLY A 32 11.86 11.72 -67.75
CA GLY A 32 11.29 10.55 -68.36
C GLY A 32 11.95 10.25 -69.68
N LYS A 33 11.25 9.47 -70.50
CA LYS A 33 11.77 9.06 -71.79
C LYS A 33 10.69 9.15 -72.85
N ALA A 34 11.15 9.26 -74.09
CA ALA A 34 10.30 9.29 -75.27
C ALA A 34 11.06 8.51 -76.33
N VAL A 35 10.60 7.29 -76.64
CA VAL A 35 11.36 6.43 -77.54
C VAL A 35 10.42 5.58 -78.36
N GLY A 36 10.84 5.27 -79.58
CA GLY A 36 10.09 4.41 -80.46
C GLY A 36 9.31 5.20 -81.48
N GLY A 37 8.80 4.48 -82.48
CA GLY A 37 8.03 5.16 -83.50
C GLY A 37 8.89 6.16 -84.24
N ASP A 38 8.27 7.28 -84.60
CA ASP A 38 8.96 8.38 -85.30
C ASP A 38 9.47 9.44 -84.33
N ILE A 39 9.46 9.17 -83.03
CA ILE A 39 10.07 10.09 -82.09
C ILE A 39 11.55 10.22 -82.43
N SER A 40 12.00 11.46 -82.60
CA SER A 40 13.38 11.73 -82.96
C SER A 40 13.99 12.73 -81.98
N VAL A 41 15.32 12.66 -81.85
CA VAL A 41 16.02 13.64 -81.03
C VAL A 41 15.65 15.04 -81.48
N GLY A 42 15.37 15.91 -80.51
CA GLY A 42 14.99 17.27 -80.78
C GLY A 42 13.50 17.52 -80.79
N ASP A 43 12.69 16.47 -80.78
CA ASP A 43 11.25 16.66 -80.80
C ASP A 43 10.79 17.39 -79.54
N VAL A 44 9.69 18.11 -79.67
CA VAL A 44 9.19 18.96 -78.60
C VAL A 44 8.42 18.12 -77.59
N VAL A 45 8.70 18.34 -76.31
CA VAL A 45 8.02 17.70 -75.19
C VAL A 45 7.31 18.79 -74.41
N LYS A 46 6.01 18.63 -74.19
CA LYS A 46 5.21 19.62 -73.49
C LYS A 46 4.31 18.96 -72.46
N MET A 47 4.03 19.70 -71.38
CA MET A 47 3.14 19.19 -70.34
C MET A 47 2.61 20.36 -69.55
N THR A 48 1.34 20.32 -69.19
CA THR A 48 0.73 21.35 -68.38
C THR A 48 0.52 20.82 -66.96
N ILE A 49 1.07 21.52 -65.98
CA ILE A 49 1.00 21.14 -64.58
C ILE A 49 0.45 22.34 -63.81
N ASN A 50 -0.69 22.14 -63.16
CA ASN A 50 -1.36 23.21 -62.42
C ASN A 50 -1.50 24.47 -63.29
N ASN A 51 -1.88 24.26 -64.55
CA ASN A 51 -2.16 25.33 -65.50
C ASN A 51 -0.93 26.10 -65.94
N THR A 52 0.27 25.59 -65.71
CA THR A 52 1.49 26.15 -66.29
C THR A 52 2.07 25.15 -67.26
N GLU A 53 2.42 25.61 -68.46
CA GLU A 53 3.05 24.74 -69.45
C GLU A 53 4.56 24.73 -69.23
N TYR A 54 5.12 23.52 -69.15
CA TYR A 54 6.55 23.28 -69.14
C TYR A 54 6.91 22.53 -70.42
N SER A 55 8.02 22.91 -71.03
CA SER A 55 8.47 22.27 -72.26
C SER A 55 9.96 21.96 -72.18
N THR A 56 10.38 21.06 -73.06
CA THR A 56 11.78 20.73 -73.29
C THR A 56 11.84 19.99 -74.61
N THR A 57 12.98 19.36 -74.89
CA THR A 57 13.11 18.55 -76.10
C THR A 57 13.59 17.16 -75.75
N VAL A 58 13.37 16.23 -76.68
CA VAL A 58 13.88 14.87 -76.53
C VAL A 58 15.38 14.88 -76.77
N LYS A 59 16.14 14.31 -75.83
CA LYS A 59 17.59 14.21 -75.95
C LYS A 59 17.97 12.83 -76.46
N ALA A 60 19.26 12.68 -76.77
CA ALA A 60 19.78 11.40 -77.24
C ALA A 60 19.41 10.29 -76.27
N GLY A 61 19.06 9.13 -76.82
CA GLY A 61 18.57 8.04 -76.00
C GLY A 61 17.14 8.19 -75.55
N GLY A 62 16.42 9.17 -76.09
CA GLY A 62 15.03 9.36 -75.72
C GLY A 62 14.81 10.01 -74.38
N ILE A 63 15.85 10.51 -73.74
CA ILE A 63 15.71 11.14 -72.43
C ILE A 63 15.08 12.51 -72.57
N TRP A 64 14.21 12.87 -71.64
CA TRP A 64 13.75 14.23 -71.50
C TRP A 64 13.68 14.57 -70.02
N MET A 65 13.88 15.86 -69.71
CA MET A 65 13.92 16.35 -68.36
C MET A 65 13.34 17.76 -68.36
N ILE A 66 12.66 18.10 -67.27
CA ILE A 66 12.27 19.47 -66.96
C ILE A 66 13.05 19.86 -65.72
N ALA A 67 13.91 20.86 -65.86
CA ALA A 67 14.87 21.20 -64.81
C ALA A 67 14.17 21.51 -63.50
N GLY A 68 13.16 22.39 -63.54
CA GLY A 68 12.54 22.84 -62.32
C GLY A 68 11.05 23.11 -62.41
N VAL A 69 10.25 22.24 -61.82
CA VAL A 69 8.82 22.45 -61.63
C VAL A 69 8.60 22.80 -60.18
N LEU A 70 7.76 23.81 -59.93
CA LEU A 70 7.50 24.23 -58.57
C LEU A 70 6.82 23.10 -57.78
N GLY A 71 7.32 22.85 -56.57
CA GLY A 71 6.67 21.88 -55.71
C GLY A 71 5.21 22.20 -55.47
N SER A 72 4.86 23.48 -55.42
CA SER A 72 3.48 23.88 -55.19
C SER A 72 2.59 23.49 -56.38
N ASP A 73 3.13 23.55 -57.59
CA ASP A 73 2.37 23.11 -58.76
C ASP A 73 2.10 21.61 -58.68
N LEU A 74 3.13 20.81 -58.43
CA LEU A 74 2.95 19.37 -58.32
C LEU A 74 2.04 19.00 -57.16
N ALA A 75 2.06 19.79 -56.09
CA ALA A 75 1.14 19.55 -54.99
C ALA A 75 -0.29 19.91 -55.37
N ALA A 76 -0.48 20.88 -56.25
CA ALA A 76 -1.81 21.28 -56.67
C ALA A 76 -2.37 20.43 -57.80
N ASP A 77 -1.53 19.71 -58.54
CA ASP A 77 -1.97 18.93 -59.70
C ASP A 77 -1.26 17.59 -59.68
N SER A 78 -2.00 16.53 -59.35
CA SER A 78 -1.42 15.21 -59.12
C SER A 78 -1.48 14.30 -60.34
N GLU A 79 -1.96 14.78 -61.48
CA GLU A 79 -1.97 13.99 -62.70
C GLU A 79 -1.75 14.90 -63.90
N PHE A 80 -0.90 14.48 -64.82
CA PHE A 80 -0.72 15.28 -66.02
C PHE A 80 -0.20 14.42 -67.17
N ASP A 81 -0.50 14.88 -68.39
CA ASP A 81 -0.04 14.26 -69.62
C ASP A 81 1.24 14.93 -70.12
N VAL A 82 2.11 14.11 -70.71
CA VAL A 82 3.29 14.57 -71.42
C VAL A 82 3.08 14.24 -72.89
N VAL A 83 3.20 15.25 -73.75
CA VAL A 83 2.95 15.11 -75.18
C VAL A 83 4.24 15.41 -75.93
N VAL A 84 4.65 14.49 -76.79
CA VAL A 84 5.82 14.64 -77.65
C VAL A 84 5.32 14.75 -79.08
N THR A 85 5.73 15.80 -79.78
CA THR A 85 5.33 16.02 -81.17
C THR A 85 6.44 15.57 -82.09
N SER A 86 6.10 14.69 -83.04
CA SER A 86 7.09 14.09 -83.93
C SER A 86 6.59 14.09 -85.37
N SER A 87 7.50 13.73 -86.29
CA SER A 87 7.22 13.66 -87.72
C SER A 87 7.93 12.46 -88.33
N ASP A 88 7.35 11.93 -89.41
CA ASP A 88 8.08 11.00 -90.25
C ASP A 88 8.94 11.76 -91.27
N ALA A 89 9.69 11.03 -92.07
CA ALA A 89 10.48 11.70 -93.09
C ALA A 89 9.59 12.53 -94.03
N ALA A 90 8.38 12.05 -94.31
CA ALA A 90 7.52 12.69 -95.30
C ALA A 90 6.57 13.71 -94.69
N GLY A 91 7.03 14.50 -93.69
CA GLY A 91 6.28 15.63 -93.17
C GLY A 91 5.09 15.30 -92.28
N ASN A 92 4.72 14.04 -92.15
CA ASN A 92 3.50 13.70 -91.42
C ASN A 92 3.72 13.81 -89.92
N LYS A 93 2.79 14.50 -89.24
CA LYS A 93 2.92 14.71 -87.81
C LYS A 93 2.23 13.60 -87.01
N VAL A 94 2.71 13.41 -85.77
CA VAL A 94 2.07 12.52 -84.81
C VAL A 94 2.39 13.01 -83.42
N GLN A 95 1.54 12.62 -82.46
CA GLN A 95 1.74 12.98 -81.05
C GLN A 95 1.77 11.71 -80.23
N SER A 96 2.85 11.52 -79.48
CA SER A 96 2.99 10.44 -78.52
C SER A 96 2.66 10.97 -77.14
N ILE A 97 1.82 10.26 -76.39
CA ILE A 97 1.30 10.76 -75.13
C ILE A 97 1.61 9.76 -74.03
N GLY A 98 2.17 10.26 -72.93
CA GLY A 98 2.32 9.49 -71.71
C GLY A 98 1.61 10.18 -70.58
N THR A 99 1.32 9.46 -69.50
CA THR A 99 0.58 10.02 -68.38
C THR A 99 1.32 9.76 -67.08
N SER A 100 1.30 10.75 -66.20
CA SER A 100 1.96 10.64 -64.90
C SER A 100 0.95 10.95 -63.81
N THR A 101 0.95 10.13 -62.77
CA THR A 101 0.23 10.40 -61.54
C THR A 101 1.22 10.32 -60.39
N HIS A 102 0.98 11.13 -59.36
CA HIS A 102 1.76 11.06 -58.14
C HIS A 102 0.83 11.36 -56.96
N SER A 103 1.31 11.06 -55.76
CA SER A 103 0.54 11.28 -54.56
C SER A 103 0.95 12.60 -53.92
N VAL A 104 0.03 13.20 -53.18
CA VAL A 104 0.27 14.45 -52.48
C VAL A 104 -0.07 14.24 -51.01
N ASP A 105 0.93 14.37 -50.15
CA ASP A 105 0.77 14.19 -48.70
C ASP A 105 1.62 15.26 -48.01
N LEU A 106 1.00 16.40 -47.71
CA LEU A 106 1.70 17.52 -47.10
C LEU A 106 1.70 17.46 -45.57
N SER A 107 1.45 16.28 -45.00
CA SER A 107 1.39 16.13 -43.56
C SER A 107 2.75 15.75 -42.97
N ALA A 108 2.87 15.96 -41.67
CA ALA A 108 4.05 15.59 -40.90
C ALA A 108 3.59 15.43 -39.45
N GLU A 109 4.11 14.43 -38.76
CA GLU A 109 3.70 14.19 -37.39
C GLU A 109 4.89 14.29 -36.44
N ALA A 110 4.59 14.75 -35.23
CA ALA A 110 5.55 14.85 -34.13
C ALA A 110 4.98 14.07 -32.95
N ASN A 111 5.76 13.12 -32.45
CA ASN A 111 5.30 12.22 -31.39
C ASN A 111 6.06 12.49 -30.11
N PHE A 112 5.30 12.66 -29.01
CA PHE A 112 5.87 12.93 -27.71
C PHE A 112 5.24 12.02 -26.67
N SER A 113 5.99 11.74 -25.61
CA SER A 113 5.54 10.96 -24.46
C SER A 113 5.87 11.78 -23.22
N LEU A 114 4.87 12.40 -22.61
CA LEU A 114 5.10 13.45 -21.63
C LEU A 114 4.29 13.24 -20.37
N ALA A 115 4.87 13.63 -19.24
CA ALA A 115 4.25 13.40 -17.94
C ALA A 115 3.04 14.31 -17.75
N GLU A 116 2.00 13.75 -17.12
CA GLU A 116 0.79 14.51 -16.86
C GLU A 116 1.03 15.57 -15.79
N GLY A 117 0.24 16.64 -15.85
CA GLY A 117 0.28 17.65 -14.83
C GLY A 117 1.50 18.53 -14.85
N GLN A 118 2.25 18.54 -15.94
CA GLN A 118 3.43 19.39 -16.07
C GLN A 118 3.38 20.13 -17.40
N GLN A 119 4.11 21.24 -17.45
CA GLN A 119 4.35 21.95 -18.70
C GLN A 119 5.62 21.43 -19.34
N HIS A 120 5.59 21.24 -20.65
CA HIS A 120 6.73 20.67 -21.35
C HIS A 120 7.07 21.51 -22.57
N VAL A 121 8.36 21.78 -22.76
CA VAL A 121 8.83 22.37 -24.01
C VAL A 121 8.94 21.26 -25.06
N LEU A 122 8.35 21.49 -26.22
CA LEU A 122 8.37 20.51 -27.30
C LEU A 122 9.62 20.69 -28.14
N THR A 123 10.49 19.69 -28.14
CA THR A 123 11.75 19.73 -28.86
C THR A 123 11.69 18.81 -30.08
N ASN A 124 12.63 19.04 -31.00
CA ASN A 124 12.78 18.19 -32.20
C ASN A 124 11.49 18.11 -33.00
N LEU A 125 10.79 19.23 -33.12
CA LEU A 125 9.62 19.28 -33.98
C LEU A 125 10.04 19.10 -35.44
N PRO A 126 9.13 18.60 -36.29
CA PRO A 126 9.49 18.39 -37.69
C PRO A 126 9.93 19.68 -38.37
N GLU A 127 10.80 19.54 -39.37
CA GLU A 127 11.31 20.71 -40.08
C GLU A 127 10.17 21.50 -40.68
N GLY A 128 10.20 22.82 -40.47
CA GLY A 128 9.16 23.69 -40.97
C GLY A 128 7.95 23.79 -40.09
N PHE A 129 7.96 23.16 -38.92
CA PHE A 129 6.82 23.25 -38.02
C PHE A 129 6.57 24.70 -37.63
N GLY A 130 5.30 25.07 -37.57
CA GLY A 130 4.94 26.42 -37.14
C GLY A 130 3.43 26.58 -37.15
N PHE A 131 2.98 27.64 -36.51
CA PHE A 131 1.57 28.00 -36.47
C PHE A 131 1.24 28.96 -37.62
N PRO A 132 -0.03 29.02 -38.03
CA PRO A 132 -0.42 30.04 -39.00
C PRO A 132 -0.12 31.43 -38.46
N ASP A 133 0.17 32.36 -39.36
CA ASP A 133 0.50 33.72 -38.94
C ASP A 133 -0.60 34.27 -38.03
N GLY A 134 -0.19 34.78 -36.88
CA GLY A 134 -1.09 35.32 -35.88
C GLY A 134 -1.43 34.35 -34.77
N THR A 135 -1.42 33.05 -35.06
CA THR A 135 -1.77 32.05 -34.05
C THR A 135 -0.61 31.82 -33.09
N THR A 136 -0.90 31.91 -31.80
CA THR A 136 0.08 31.63 -30.76
C THR A 136 -0.32 30.47 -29.87
N GLU A 137 -1.47 29.85 -30.11
CA GLU A 137 -1.97 28.79 -29.26
C GLU A 137 -2.88 27.89 -30.10
N VAL A 138 -2.73 26.58 -29.91
CA VAL A 138 -3.68 25.62 -30.46
C VAL A 138 -4.15 24.72 -29.33
N VAL A 139 -5.46 24.48 -29.29
CA VAL A 139 -6.08 23.66 -28.26
C VAL A 139 -6.09 22.22 -28.72
N THR A 140 -5.68 21.31 -27.83
CA THR A 140 -5.59 19.90 -28.17
C THR A 140 -6.93 19.20 -27.96
N ASN A 141 -6.99 17.94 -28.36
CA ASN A 141 -8.23 17.17 -28.24
CA ASN A 141 -8.24 17.18 -28.24
C ASN A 141 -8.71 17.10 -26.80
N PHE A 142 -7.78 17.07 -25.84
CA PHE A 142 -8.13 16.97 -24.43
C PHE A 142 -8.33 18.32 -23.76
N GLY A 143 -8.32 19.40 -24.52
CA GLY A 143 -8.46 20.72 -23.95
C GLY A 143 -7.18 21.31 -23.42
N GLY A 144 -6.06 20.63 -23.58
CA GLY A 144 -4.77 21.21 -23.30
C GLY A 144 -4.41 22.22 -24.37
N THR A 145 -3.19 22.76 -24.26
CA THR A 145 -2.75 23.76 -25.21
C THR A 145 -1.28 23.59 -25.53
N ILE A 146 -0.96 23.87 -26.80
CA ILE A 146 0.39 24.13 -27.26
C ILE A 146 0.48 25.63 -27.53
N THR A 147 1.36 26.30 -26.80
CA THR A 147 1.51 27.74 -26.82
C THR A 147 2.88 28.12 -27.37
N LEU A 148 2.91 29.04 -28.33
CA LEU A 148 4.16 29.62 -28.81
C LEU A 148 4.51 30.79 -27.89
N GLY A 149 5.66 30.69 -27.22
CA GLY A 149 6.07 31.70 -26.27
C GLY A 149 6.91 32.81 -26.87
N ASP A 150 7.15 33.84 -26.06
CA ASP A 150 8.02 34.94 -26.47
C ASP A 150 9.34 34.42 -27.02
N ASP A 151 9.90 33.39 -26.39
CA ASP A 151 11.21 32.87 -26.71
C ASP A 151 11.21 31.94 -27.92
N GLY A 152 10.09 31.81 -28.62
CA GLY A 152 10.01 30.95 -29.77
C GLY A 152 9.86 29.48 -29.47
N GLU A 153 9.76 29.10 -28.20
CA GLU A 153 9.57 27.71 -27.81
C GLU A 153 8.08 27.39 -27.76
N TYR A 154 7.74 26.16 -28.13
CA TYR A 154 6.38 25.65 -28.04
C TYR A 154 6.22 24.83 -26.77
N ARG A 155 5.22 25.17 -25.97
CA ARG A 155 5.01 24.53 -24.67
C ARG A 155 3.63 23.90 -24.62
N TYR A 156 3.59 22.64 -24.21
CA TYR A 156 2.36 21.87 -24.07
C TYR A 156 2.04 21.71 -22.60
N ASP A 157 0.80 22.04 -22.22
N ASP A 157 0.80 22.03 -22.23
CA ASP A 157 0.34 21.86 -20.84
CA ASP A 157 0.33 21.85 -20.86
C ASP A 157 -0.42 20.54 -20.77
C ASP A 157 -0.42 20.52 -20.78
N ALA A 158 0.22 19.52 -20.19
CA ALA A 158 -0.35 18.18 -20.17
C ALA A 158 -1.38 18.03 -19.06
N PRO A 159 -2.65 17.84 -19.38
CA PRO A 159 -3.66 17.66 -18.34
C PRO A 159 -3.44 16.37 -17.55
N VAL A 160 -3.92 16.36 -16.31
CA VAL A 160 -3.96 15.16 -15.51
C VAL A 160 -5.01 14.22 -16.08
N ARG A 161 -4.70 12.93 -16.12
CA ARG A 161 -5.60 11.94 -16.68
C ARG A 161 -5.79 10.77 -15.74
N ASP A 162 -7.00 10.21 -15.76
CA ASP A 162 -7.30 8.93 -15.13
C ASP A 162 -6.76 7.85 -16.06
N HIS A 163 -5.58 7.32 -15.75
CA HIS A 163 -4.94 6.33 -16.60
C HIS A 163 -5.50 4.93 -16.38
N GLY A 164 -6.53 4.79 -15.55
CA GLY A 164 -7.12 3.51 -15.28
C GLY A 164 -8.41 3.24 -16.03
N ASP A 165 -8.97 4.26 -16.66
CA ASP A 165 -10.31 4.11 -17.20
C ASP A 165 -10.25 3.59 -18.64
N ALA A 166 -11.38 3.67 -19.34
CA ALA A 166 -11.49 3.11 -20.67
C ALA A 166 -11.24 4.14 -21.77
N VAL A 167 -10.76 5.33 -21.43
CA VAL A 167 -10.57 6.42 -22.38
C VAL A 167 -9.08 6.61 -22.60
N SER A 168 -8.65 6.56 -23.86
CA SER A 168 -7.26 6.77 -24.20
C SER A 168 -6.76 8.09 -23.63
N ASP A 169 -5.47 8.12 -23.29
CA ASP A 169 -4.82 9.31 -22.77
C ASP A 169 -3.72 9.79 -23.72
N LYS A 170 -3.86 9.46 -25.01
CA LYS A 170 -3.00 10.01 -26.06
C LYS A 170 -3.70 11.24 -26.63
N ASP A 171 -3.28 12.43 -26.17
CA ASP A 171 -3.79 13.68 -26.70
C ASP A 171 -3.25 13.91 -28.11
N SER A 172 -3.86 14.86 -28.83
N SER A 172 -3.86 14.86 -28.82
CA SER A 172 -3.42 15.13 -30.19
CA SER A 172 -3.44 15.14 -30.18
C SER A 172 -3.97 16.47 -30.64
C SER A 172 -3.94 16.51 -30.60
N VAL A 173 -3.28 17.07 -31.61
CA VAL A 173 -3.73 18.28 -32.26
C VAL A 173 -3.15 18.33 -33.67
N THR A 174 -3.90 18.92 -34.59
CA THR A 174 -3.44 19.11 -35.96
C THR A 174 -3.44 20.59 -36.29
N VAL A 175 -2.27 21.12 -36.64
CA VAL A 175 -2.13 22.47 -37.16
C VAL A 175 -2.22 22.42 -38.68
N THR A 176 -2.98 23.35 -39.26
CA THR A 176 -3.10 23.48 -40.70
C THR A 176 -2.55 24.83 -41.13
N LEU A 177 -1.63 24.83 -42.09
CA LEU A 177 -1.07 26.05 -42.63
C LEU A 177 -1.76 26.41 -43.94
N GLU A 178 -1.59 27.65 -44.36
CA GLU A 178 -2.29 28.14 -45.55
C GLU A 178 -1.76 27.48 -46.82
N ASP A 179 -0.50 27.06 -46.84
CA ASP A 179 0.07 26.43 -48.03
C ASP A 179 -0.33 24.96 -48.16
N GLY A 180 -1.19 24.44 -47.29
CA GLY A 180 -1.66 23.08 -47.37
C GLY A 180 -0.99 22.13 -46.41
N ARG A 181 0.16 22.50 -45.85
CA ARG A 181 0.83 21.63 -44.90
C ARG A 181 -0.03 21.44 -43.65
N THR A 182 0.07 20.25 -43.07
CA THR A 182 -0.48 19.96 -41.75
C THR A 182 0.60 19.35 -40.88
N PHE A 183 0.52 19.62 -39.59
CA PHE A 183 1.42 19.05 -38.59
C PHE A 183 0.56 18.44 -37.49
N THR A 184 0.67 17.14 -37.30
CA THR A 184 -0.07 16.44 -36.27
C THR A 184 0.87 16.15 -35.10
N VAL A 185 0.57 16.74 -33.96
CA VAL A 185 1.34 16.54 -32.74
C VAL A 185 0.58 15.55 -31.88
N ASN A 186 1.20 14.41 -31.61
CA ASN A 186 0.65 13.35 -30.78
C ASN A 186 1.35 13.37 -29.44
N LEU A 187 0.57 13.45 -28.37
CA LEU A 187 1.07 13.72 -27.02
C LEU A 187 0.61 12.59 -26.12
N ASP A 188 1.46 11.56 -26.01
CA ASP A 188 1.17 10.43 -25.14
C ASP A 188 1.36 10.85 -23.69
N ILE A 189 0.26 11.04 -22.97
CA ILE A 189 0.32 11.56 -21.60
C ILE A 189 0.68 10.41 -20.65
N GLN A 190 1.79 10.55 -19.95
CA GLN A 190 2.29 9.51 -19.06
C GLN A 190 1.75 9.70 -17.65
N ASP A 191 1.50 8.59 -16.98
CA ASP A 191 0.93 8.63 -15.64
C ASP A 191 1.96 9.08 -14.62
N SER A 192 1.47 9.73 -13.57
CA SER A 192 2.26 10.12 -12.42
C SER A 192 1.91 9.21 -11.25
N ALA A 193 2.77 9.22 -10.23
CA ALA A 193 2.59 8.36 -9.08
C ALA A 193 2.99 9.11 -7.83
N PRO A 194 2.41 8.79 -6.68
CA PRO A 194 2.88 9.33 -5.41
C PRO A 194 4.23 8.72 -5.05
N VAL A 195 4.89 9.34 -4.08
CA VAL A 195 6.18 8.88 -3.55
C VAL A 195 6.06 8.87 -2.03
N ALA A 196 5.93 7.68 -1.45
CA ALA A 196 5.90 7.56 0.00
C ALA A 196 7.29 7.78 0.59
N VAL A 197 7.35 8.43 1.75
CA VAL A 197 8.61 8.77 2.40
C VAL A 197 8.62 8.14 3.79
N ASP A 198 9.74 7.49 4.12
CA ASP A 198 9.87 6.83 5.41
C ASP A 198 9.55 7.80 6.55
N ASP A 199 9.00 7.24 7.62
CA ASP A 199 8.56 8.00 8.78
C ASP A 199 9.27 7.47 10.03
N GLN A 200 9.49 8.36 11.00
CA GLN A 200 10.14 8.01 12.24
C GLN A 200 9.30 8.49 13.42
N ASP A 201 9.10 7.61 14.39
CA ASP A 201 8.41 7.93 15.63
C ASP A 201 9.16 7.25 16.76
N SER A 202 8.83 7.62 18.00
CA SER A 202 9.49 7.01 19.15
C SER A 202 8.52 6.95 20.32
N ILE A 203 8.78 6.00 21.21
CA ILE A 203 7.98 5.81 22.41
C ILE A 203 8.85 5.18 23.48
N VAL A 204 8.76 5.70 24.69
CA VAL A 204 9.57 5.22 25.81
C VAL A 204 8.64 4.57 26.83
N VAL A 205 9.01 3.38 27.28
CA VAL A 205 8.29 2.67 28.33
C VAL A 205 9.05 2.88 29.65
N GLN A 206 8.28 3.12 30.71
CA GLN A 206 8.83 3.49 32.00
C GLN A 206 9.18 2.24 32.81
N HIS A 207 10.35 2.15 33.34
CA HIS A 207 10.80 1.09 34.16
C HIS A 207 10.62 1.69 35.51
N GLU A 208 10.18 0.89 36.43
CA GLU A 208 10.19 1.18 37.83
C GLU A 208 9.95 -0.02 38.76
N GLU A 209 10.76 -0.13 39.79
CA GLU A 209 10.61 -1.23 40.69
C GLU A 209 9.99 -0.89 41.99
N PHE A 210 9.06 -1.71 42.36
CA PHE A 210 8.35 -1.61 43.58
C PHE A 210 8.88 -2.70 44.58
N GLU A 211 8.92 -2.31 45.82
CA GLU A 211 9.18 -3.13 46.92
C GLU A 211 7.77 -3.55 47.50
N VAL A 212 7.55 -4.83 47.60
CA VAL A 212 6.33 -5.49 48.09
C VAL A 212 6.53 -6.54 49.15
N SER A 213 5.54 -6.65 49.96
CA SER A 213 5.46 -7.63 51.03
C SER A 213 5.23 -9.07 50.44
N GLU A 214 5.17 -10.02 51.31
CA GLU A 214 4.68 -11.33 50.94
C GLU A 214 3.22 -11.24 50.51
N ILE A 215 2.82 -12.17 49.69
CA ILE A 215 1.44 -12.25 49.21
C ILE A 215 0.66 -13.21 50.10
N ALA A 216 -0.58 -12.84 50.40
CA ALA A 216 -1.52 -13.74 51.09
C ALA A 216 -2.75 -13.87 50.22
N ALA A 217 -2.98 -15.06 49.69
CA ALA A 217 -4.13 -15.34 48.84
C ALA A 217 -5.19 -16.10 49.63
N SER A 218 -6.42 -15.61 49.61
CA SER A 218 -7.52 -16.20 50.36
C SER A 218 -8.72 -16.38 49.46
N TRP A 219 -9.30 -17.58 49.47
CA TRP A 219 -10.61 -17.83 48.89
C TRP A 219 -11.66 -17.26 49.83
N VAL A 220 -12.33 -16.19 49.41
CA VAL A 220 -13.20 -15.43 50.31
C VAL A 220 -14.69 -15.70 50.06
N SER A 221 -15.07 -16.14 48.87
CA SER A 221 -16.48 -16.39 48.62
C SER A 221 -16.62 -17.28 47.39
N TYR A 222 -17.81 -17.83 47.24
CA TYR A 222 -18.11 -18.76 46.15
C TYR A 222 -19.63 -18.82 46.01
N THR A 223 -20.08 -19.28 44.85
CA THR A 223 -21.51 -19.43 44.58
C THR A 223 -21.79 -20.86 44.15
N HIS A 224 -22.83 -21.45 44.73
CA HIS A 224 -23.19 -22.84 44.48
C HIS A 224 -22.11 -23.78 44.98
N GLY A 225 -22.33 -25.08 44.83
CA GLY A 225 -21.39 -26.07 45.30
C GLY A 225 -21.92 -26.79 46.54
N GLU A 226 -21.49 -28.03 46.70
CA GLU A 226 -21.80 -28.83 47.87
C GLU A 226 -20.52 -29.17 48.61
N SER A 227 -20.63 -29.28 49.93
CA SER A 227 -19.48 -29.63 50.78
C SER A 227 -18.26 -28.78 50.42
N VAL A 228 -18.50 -27.49 50.23
CA VAL A 228 -17.43 -26.58 49.87
C VAL A 228 -16.62 -26.22 51.11
N THR A 229 -15.29 -26.31 51.00
N THR A 229 -15.30 -26.31 51.00
CA THR A 229 -14.44 -25.89 52.09
CA THR A 229 -14.40 -25.93 52.08
C THR A 229 -13.26 -25.10 51.54
C THR A 229 -13.26 -25.09 51.53
N THR A 230 -12.75 -24.19 52.37
CA THR A 230 -11.58 -23.37 52.04
C THR A 230 -10.57 -23.56 53.16
N PHE A 231 -9.29 -23.68 52.81
CA PHE A 231 -8.29 -23.99 53.82
C PHE A 231 -6.89 -23.63 53.33
N ASP A 232 -6.00 -23.47 54.31
CA ASP A 232 -4.57 -23.34 54.02
C ASP A 232 -4.05 -24.67 53.47
N GLY A 233 -3.23 -24.58 52.43
CA GLY A 233 -2.80 -25.78 51.73
C GLY A 233 -1.98 -26.69 52.60
N THR A 234 -2.12 -27.99 52.36
CA THR A 234 -1.39 -29.03 53.05
C THR A 234 -0.59 -29.84 52.03
N SER A 235 0.28 -30.71 52.54
CA SER A 235 1.05 -31.58 51.66
C SER A 235 0.14 -32.42 50.79
N ASP A 236 -0.92 -32.98 51.37
CA ASP A 236 -1.83 -33.84 50.63
C ASP A 236 -2.76 -33.06 49.72
N LEU A 237 -3.16 -31.85 50.12
CA LEU A 237 -4.16 -31.06 49.40
C LEU A 237 -3.58 -29.69 49.06
N GLY A 238 -2.91 -29.60 47.92
CA GLY A 238 -2.52 -28.34 47.34
C GLY A 238 -1.05 -28.00 47.49
N GLY A 239 -0.37 -28.58 48.47
CA GLY A 239 0.97 -28.14 48.81
C GLY A 239 0.97 -26.97 49.77
N VAL A 240 2.11 -26.74 50.39
CA VAL A 240 2.20 -25.79 51.49
C VAL A 240 2.73 -24.47 50.99
N ASP A 241 2.35 -23.39 51.68
CA ASP A 241 2.87 -22.05 51.45
C ASP A 241 3.19 -21.43 52.81
N ASN A 242 3.78 -20.24 52.76
CA ASN A 242 4.40 -19.64 53.93
C ASN A 242 3.43 -18.84 54.79
N ASP A 243 2.12 -19.00 54.61
CA ASP A 243 1.15 -18.22 55.35
C ASP A 243 -0.02 -19.10 55.76
N SER A 244 -0.91 -18.54 56.58
CA SER A 244 -2.10 -19.21 57.05
C SER A 244 -3.35 -18.81 56.27
N ALA A 245 -3.22 -17.94 55.27
CA ALA A 245 -4.34 -17.63 54.41
C ALA A 245 -4.82 -18.89 53.70
N LYS A 246 -6.11 -18.94 53.41
N LYS A 246 -6.11 -18.95 53.43
CA LYS A 246 -6.74 -20.14 52.86
CA LYS A 246 -6.74 -20.15 52.87
C LYS A 246 -6.61 -20.11 51.34
C LYS A 246 -6.60 -20.12 51.35
N ASP A 247 -5.58 -20.79 50.84
CA ASP A 247 -5.28 -20.79 49.42
C ASP A 247 -5.94 -21.93 48.65
N GLN A 248 -6.61 -22.85 49.32
CA GLN A 248 -7.24 -24.00 48.68
C GLN A 248 -8.75 -23.90 48.85
N ILE A 249 -9.49 -24.29 47.81
CA ILE A 249 -10.93 -24.44 47.88
C ILE A 249 -11.30 -25.76 47.22
N ARG A 250 -12.19 -26.51 47.85
CA ARG A 250 -12.65 -27.79 47.33
C ARG A 250 -14.16 -27.87 47.41
N TRP A 251 -14.72 -28.72 46.54
CA TRP A 251 -16.17 -28.88 46.43
C TRP A 251 -16.51 -30.20 45.76
N GLY A 252 -17.78 -30.57 45.88
CA GLY A 252 -18.37 -31.72 45.23
C GLY A 252 -18.51 -32.90 46.15
N ASN A 253 -19.52 -33.73 45.89
CA ASN A 253 -19.61 -35.05 46.49
C ASN A 253 -18.82 -35.99 45.60
N PRO A 254 -17.68 -36.53 46.04
CA PRO A 254 -16.82 -37.29 45.11
C PRO A 254 -17.55 -38.46 44.50
N ALA A 255 -17.51 -38.53 43.17
CA ALA A 255 -18.09 -39.65 42.43
C ALA A 255 -17.09 -40.76 42.15
N GLU A 256 -15.82 -40.58 42.52
CA GLU A 256 -14.82 -41.61 42.33
C GLU A 256 -13.83 -41.65 43.46
N SER A 257 -13.26 -40.49 43.80
CA SER A 257 -12.25 -40.45 44.86
C SER A 257 -12.28 -39.16 45.67
N LYS A 258 -11.89 -38.05 45.06
CA LYS A 258 -11.66 -36.82 45.82
C LYS A 258 -12.52 -35.69 45.27
N GLN A 259 -12.43 -34.54 45.94
CA GLN A 259 -13.20 -33.37 45.56
C GLN A 259 -12.47 -32.55 44.52
N SER A 260 -13.23 -31.90 43.66
CA SER A 260 -12.63 -30.96 42.72
C SER A 260 -12.31 -29.66 43.44
N GLY A 261 -11.51 -28.82 42.80
CA GLY A 261 -11.35 -27.48 43.34
C GLY A 261 -10.17 -26.74 42.74
N TYR A 262 -9.76 -25.70 43.46
CA TYR A 262 -8.66 -24.82 43.07
C TYR A 262 -7.64 -24.75 44.20
N GLY A 263 -6.39 -24.54 43.81
CA GLY A 263 -5.35 -24.17 44.75
C GLY A 263 -4.50 -23.07 44.17
N PHE A 264 -4.01 -22.20 45.03
CA PHE A 264 -3.14 -21.11 44.59
C PHE A 264 -1.93 -21.01 45.51
N ILE A 265 -0.74 -21.25 44.96
CA ILE A 265 0.50 -21.19 45.71
C ILE A 265 1.21 -19.91 45.29
N ASP A 266 1.37 -18.97 46.21
CA ASP A 266 1.90 -17.67 45.84
C ASP A 266 3.34 -17.78 45.34
N ASN A 267 3.82 -16.70 44.74
CA ASN A 267 5.15 -16.62 44.17
C ASN A 267 6.10 -15.83 45.06
N ASP A 268 5.90 -15.87 46.38
CA ASP A 268 6.68 -15.04 47.29
C ASP A 268 8.18 -15.25 47.10
N SER A 269 8.62 -16.50 47.05
CA SER A 269 10.06 -16.77 47.04
C SER A 269 10.70 -16.26 45.76
N ASN A 270 10.04 -16.43 44.61
CA ASN A 270 10.64 -16.00 43.35
C ASN A 270 10.61 -14.48 43.22
N LEU A 271 9.54 -13.84 43.71
CA LEU A 271 9.43 -12.40 43.56
C LEU A 271 10.46 -11.66 44.42
N GLU A 272 10.91 -12.27 45.53
CA GLU A 272 11.91 -11.67 46.39
C GLU A 272 11.55 -10.23 46.73
N GLY A 273 10.26 -10.02 47.02
CA GLY A 273 9.80 -8.75 47.49
C GLY A 273 9.85 -7.65 46.44
N ARG A 274 9.92 -8.00 45.14
CA ARG A 274 9.91 -6.94 44.15
C ARG A 274 8.95 -7.21 42.99
N PHE A 275 8.22 -6.13 42.61
CA PHE A 275 7.45 -6.00 41.38
C PHE A 275 8.16 -5.01 40.49
N ASP A 276 8.09 -5.14 39.18
CA ASP A 276 8.53 -4.12 38.24
C ASP A 276 7.31 -3.58 37.50
N LEU A 277 7.43 -2.35 37.01
CA LEU A 277 6.34 -1.73 36.26
C LEU A 277 6.34 -2.19 34.80
N ASN A 278 5.15 -2.21 34.19
CA ASN A 278 4.99 -2.56 32.77
C ASN A 278 5.63 -3.90 32.46
N GLN A 279 5.36 -4.88 33.31
CA GLN A 279 6.03 -6.17 33.24
C GLN A 279 5.05 -7.25 33.63
N ASP A 280 4.83 -8.22 32.74
CA ASP A 280 4.06 -9.40 33.11
C ASP A 280 4.72 -10.08 34.29
N ILE A 281 3.97 -10.20 35.38
CA ILE A 281 4.45 -10.76 36.64
C ILE A 281 3.52 -11.88 37.07
N SER A 282 4.10 -12.97 37.53
CA SER A 282 3.33 -14.08 38.09
C SER A 282 3.18 -13.85 39.59
N VAL A 283 1.93 -13.73 40.04
CA VAL A 283 1.68 -13.62 41.49
C VAL A 283 1.60 -14.98 42.16
N GLY A 284 1.57 -16.07 41.40
CA GLY A 284 1.46 -17.39 41.96
C GLY A 284 1.06 -18.40 40.91
N THR A 285 0.95 -19.64 41.36
CA THR A 285 0.57 -20.78 40.53
C THR A 285 -0.83 -21.21 40.92
N PHE A 286 -1.75 -21.12 39.97
CA PHE A 286 -3.13 -21.58 40.08
C PHE A 286 -3.20 -23.00 39.54
N THR A 287 -3.70 -23.92 40.37
CA THR A 287 -3.89 -25.31 39.98
C THR A 287 -5.38 -25.63 40.04
N HIS A 288 -5.90 -26.18 38.94
CA HIS A 288 -7.27 -26.66 38.84
C HIS A 288 -7.24 -28.18 38.99
N TYR A 289 -7.80 -28.67 40.10
CA TYR A 289 -7.92 -30.10 40.37
C TYR A 289 -9.31 -30.55 39.91
N ASN A 290 -9.37 -31.31 38.83
CA ASN A 290 -10.63 -31.78 38.27
C ASN A 290 -10.78 -33.27 38.57
N TYR A 291 -11.69 -33.58 39.48
CA TYR A 291 -12.15 -34.92 39.80
C TYR A 291 -13.59 -35.09 39.34
N PRO A 292 -14.07 -36.33 39.26
CA PRO A 292 -15.51 -36.55 39.02
C PRO A 292 -16.30 -36.32 40.30
N VAL A 293 -17.28 -35.42 40.26
CA VAL A 293 -18.17 -35.19 41.37
C VAL A 293 -19.60 -35.37 40.88
N TYR A 294 -20.49 -35.75 41.79
CA TYR A 294 -21.88 -35.94 41.42
C TYR A 294 -22.49 -34.63 40.95
N SER A 295 -23.47 -34.74 40.05
N SER A 295 -23.46 -34.73 40.05
CA SER A 295 -24.03 -33.55 39.42
CA SER A 295 -24.03 -33.55 39.41
C SER A 295 -24.62 -32.61 40.45
C SER A 295 -24.63 -32.61 40.44
N GLY A 296 -24.41 -31.31 40.22
CA GLY A 296 -24.97 -30.28 41.08
C GLY A 296 -24.13 -29.90 42.26
N GLY A 297 -22.95 -30.49 42.44
CA GLY A 297 -22.14 -30.26 43.60
C GLY A 297 -21.00 -29.29 43.42
N ALA A 298 -20.84 -28.70 42.25
CA ALA A 298 -19.70 -27.86 41.96
C ALA A 298 -20.09 -26.39 41.99
N ILE A 299 -19.12 -25.53 42.30
CA ILE A 299 -19.35 -24.09 42.25
C ILE A 299 -19.55 -23.67 40.80
N THR A 300 -20.10 -22.47 40.64
CA THR A 300 -20.10 -21.78 39.35
C THR A 300 -19.20 -20.57 39.33
N SER A 301 -18.79 -20.07 40.49
CA SER A 301 -17.82 -18.99 40.56
C SER A 301 -17.24 -18.94 41.97
N ALA A 302 -16.02 -18.42 42.06
CA ALA A 302 -15.34 -18.25 43.34
C ALA A 302 -14.44 -17.03 43.26
N GLU A 303 -14.20 -16.39 44.40
CA GLU A 303 -13.42 -15.16 44.46
C GLU A 303 -12.23 -15.36 45.39
N MET A 304 -11.06 -14.90 44.94
CA MET A 304 -9.83 -15.02 45.70
C MET A 304 -9.22 -13.63 45.87
N SER A 305 -8.96 -13.26 47.12
N SER A 305 -8.93 -13.27 47.12
CA SER A 305 -8.28 -12.01 47.42
CA SER A 305 -8.29 -11.99 47.40
C SER A 305 -6.78 -12.25 47.42
C SER A 305 -6.78 -12.19 47.48
N VAL A 306 -6.05 -11.47 46.64
CA VAL A 306 -4.59 -11.47 46.61
C VAL A 306 -4.17 -10.22 47.35
N GLU A 307 -3.65 -10.40 48.56
N GLU A 307 -3.69 -10.38 48.58
CA GLU A 307 -3.35 -9.31 49.48
CA GLU A 307 -3.37 -9.26 49.45
C GLU A 307 -1.83 -9.11 49.55
C GLU A 307 -1.86 -9.10 49.55
N PHE A 308 -1.40 -7.85 49.47
CA PHE A 308 0.01 -7.54 49.63
C PHE A 308 0.14 -6.07 49.94
N SER A 309 1.28 -5.69 50.51
CA SER A 309 1.56 -4.30 50.82
C SER A 309 2.69 -3.79 49.95
N VAL A 310 2.60 -2.50 49.60
CA VAL A 310 3.63 -1.83 48.82
C VAL A 310 4.29 -0.77 49.68
N LEU A 311 5.62 -0.73 49.66
CA LEU A 311 6.39 0.18 50.48
C LEU A 311 6.86 1.37 49.63
N ASP A 312 6.77 2.56 50.21
CA ASP A 312 7.29 3.76 49.56
C ASP A 312 8.65 4.13 50.16
N HIS A 313 9.28 5.15 49.58
CA HIS A 313 10.64 5.49 49.95
C HIS A 313 10.76 6.08 51.35
N LEU A 314 9.64 6.34 52.02
CA LEU A 314 9.65 6.82 53.39
C LEU A 314 9.33 5.72 54.39
N GLY A 315 9.09 4.50 53.93
CA GLY A 315 8.76 3.40 54.82
C GLY A 315 7.30 3.25 55.15
N VAL A 316 6.42 3.94 54.44
CA VAL A 316 4.98 3.79 54.64
C VAL A 316 4.48 2.65 53.79
N SER A 317 3.76 1.71 54.40
CA SER A 317 3.18 0.58 53.69
C SER A 317 1.74 0.90 53.32
N THR A 318 1.37 0.60 52.08
CA THR A 318 0.02 0.73 51.59
C THR A 318 -0.54 -0.66 51.30
N PRO A 319 -1.61 -1.08 51.97
CA PRO A 319 -2.19 -2.39 51.68
C PRO A 319 -2.99 -2.37 50.39
N VAL A 320 -2.95 -3.48 49.67
CA VAL A 320 -3.58 -3.63 48.36
C VAL A 320 -4.21 -5.00 48.29
N THR A 321 -5.46 -5.05 47.82
CA THR A 321 -6.20 -6.29 47.66
C THR A 321 -6.67 -6.38 46.22
N LEU A 322 -6.10 -7.31 45.45
CA LEU A 322 -6.59 -7.62 44.12
C LEU A 322 -7.59 -8.76 44.24
N THR A 323 -8.85 -8.48 43.93
CA THR A 323 -9.88 -9.51 43.93
C THR A 323 -9.92 -10.17 42.56
N VAL A 324 -9.83 -11.50 42.54
CA VAL A 324 -9.77 -12.28 41.31
C VAL A 324 -10.99 -13.18 41.30
N ASN A 325 -11.84 -13.02 40.27
CA ASN A 325 -13.06 -13.79 40.13
CA ASN A 325 -13.06 -13.79 40.13
C ASN A 325 -12.86 -14.88 39.09
N PHE A 326 -13.24 -16.11 39.45
CA PHE A 326 -13.13 -17.27 38.58
C PHE A 326 -14.53 -17.81 38.32
N ASP A 327 -14.90 -17.93 37.06
CA ASP A 327 -16.10 -18.64 36.66
C ASP A 327 -15.74 -20.10 36.43
N HIS A 328 -16.53 -21.01 36.98
CA HIS A 328 -16.23 -22.43 36.91
C HIS A 328 -17.36 -23.18 36.21
N ASN A 329 -16.97 -24.10 35.33
CA ASN A 329 -17.92 -24.97 34.62
C ASN A 329 -17.46 -26.41 34.83
N GLU A 330 -18.10 -27.10 35.78
CA GLU A 330 -17.88 -28.53 36.00
C GLU A 330 -18.86 -29.25 35.07
N THR A 331 -18.38 -29.59 33.88
CA THR A 331 -19.24 -30.04 32.80
C THR A 331 -19.73 -31.47 33.01
N PRO A 332 -20.91 -31.80 32.48
CA PRO A 332 -21.33 -33.21 32.48
C PRO A 332 -20.28 -34.09 31.83
N ASN A 333 -20.05 -35.26 32.41
CA ASN A 333 -19.04 -36.19 31.91
C ASN A 333 -19.68 -37.20 30.97
N THR A 334 -19.10 -37.33 29.78
CA THR A 334 -19.52 -38.26 28.76
C THR A 334 -18.34 -39.16 28.39
N ASN A 335 -18.49 -39.91 27.30
CA ASN A 335 -17.37 -40.70 26.78
C ASN A 335 -16.39 -39.87 25.98
N ASP A 336 -16.68 -38.59 25.76
CA ASP A 336 -15.80 -37.67 25.05
C ASP A 336 -14.93 -36.94 26.08
N VAL A 337 -13.63 -37.22 26.07
CA VAL A 337 -12.75 -36.65 27.08
C VAL A 337 -12.71 -35.12 26.95
N ASN A 338 -12.57 -34.62 25.72
CA ASN A 338 -12.50 -33.17 25.53
C ASN A 338 -13.77 -32.49 26.00
N ALA A 339 -14.93 -33.02 25.60
CA ALA A 339 -16.19 -32.43 26.02
C ALA A 339 -16.36 -32.49 27.52
N SER A 340 -15.79 -33.51 28.16
CA SER A 340 -15.95 -33.70 29.60
C SER A 340 -15.04 -32.80 30.43
N ARG A 341 -14.08 -32.12 29.79
CA ARG A 341 -13.18 -31.25 30.53
C ARG A 341 -13.95 -30.19 31.29
N ASP A 342 -13.41 -29.79 32.44
CA ASP A 342 -13.95 -28.69 33.23
C ASP A 342 -13.18 -27.42 32.89
N ILE A 343 -13.89 -26.30 32.95
CA ILE A 343 -13.41 -25.05 32.35
C ILE A 343 -13.39 -23.96 33.41
N VAL A 344 -12.25 -23.26 33.50
CA VAL A 344 -12.07 -22.16 34.43
C VAL A 344 -11.82 -20.90 33.63
N THR A 345 -12.55 -19.83 33.93
CA THR A 345 -12.40 -18.55 33.24
C THR A 345 -12.09 -17.47 34.26
N VAL A 346 -10.98 -16.78 34.09
CA VAL A 346 -10.60 -15.71 34.99
C VAL A 346 -11.09 -14.39 34.41
N GLN A 347 -11.66 -13.54 35.26
CA GLN A 347 -12.15 -12.25 34.84
C GLN A 347 -11.02 -11.22 34.86
N ASN A 348 -11.10 -10.25 33.93
CA ASN A 348 -10.09 -9.21 33.81
C ASN A 348 -10.42 -8.09 34.78
N THR A 349 -10.02 -8.29 36.03
CA THR A 349 -10.25 -7.31 37.08
C THR A 349 -8.96 -6.52 37.35
N HIS A 350 -9.07 -5.54 38.24
CA HIS A 350 -7.92 -4.69 38.55
C HIS A 350 -8.16 -4.02 39.89
N VAL A 351 -7.08 -3.44 40.42
CA VAL A 351 -7.15 -2.63 41.63
C VAL A 351 -6.12 -1.52 41.53
N THR A 352 -6.49 -0.33 41.96
CA THR A 352 -5.62 0.84 41.89
C THR A 352 -5.19 1.24 43.30
N PHE A 353 -3.90 1.50 43.47
CA PHE A 353 -3.35 1.95 44.74
C PHE A 353 -2.50 3.20 44.51
N GLU A 354 -2.27 3.95 45.59
CA GLU A 354 -1.46 5.15 45.54
C GLU A 354 -0.13 4.90 46.23
N ARG A 355 0.93 5.48 45.66
CA ARG A 355 2.27 5.42 46.23
C ARG A 355 2.98 6.71 45.91
N ASP A 356 3.43 7.42 46.94
N ASP A 356 3.42 7.41 46.95
CA ASP A 356 4.20 8.65 46.77
CA ASP A 356 4.15 8.68 46.83
C ASP A 356 3.50 9.62 45.81
C ASP A 356 3.49 9.60 45.81
N GLY A 357 2.18 9.72 45.93
CA GLY A 357 1.41 10.67 45.14
C GLY A 357 1.08 10.24 43.73
N ASP A 358 1.62 9.12 43.26
CA ASP A 358 1.23 8.57 41.97
C ASP A 358 0.25 7.42 42.19
N ILE A 359 -0.55 7.12 41.19
CA ILE A 359 -1.45 5.97 41.25
C ILE A 359 -0.94 4.91 40.29
N TYR A 360 -1.17 3.66 40.65
CA TYR A 360 -0.78 2.51 39.85
C TYR A 360 -1.92 1.50 39.88
N THR A 361 -2.04 0.74 38.80
CA THR A 361 -3.12 -0.21 38.63
C THR A 361 -2.54 -1.59 38.40
N VAL A 362 -2.94 -2.54 39.24
CA VAL A 362 -2.63 -3.96 39.08
C VAL A 362 -3.78 -4.58 38.30
N GLN A 363 -3.46 -5.19 37.16
CA GLN A 363 -4.46 -5.75 36.26
C GLN A 363 -4.18 -7.23 36.07
N ILE A 364 -5.22 -8.05 36.19
CA ILE A 364 -5.10 -9.44 35.80
C ILE A 364 -4.84 -9.53 34.31
N VAL A 365 -3.80 -10.24 33.93
CA VAL A 365 -3.59 -10.57 32.52
C VAL A 365 -4.19 -11.93 32.19
N GLY A 366 -3.87 -12.92 33.01
CA GLY A 366 -4.56 -14.19 32.83
C GLY A 366 -3.66 -15.38 33.15
N PHE A 367 -3.87 -16.47 32.44
CA PHE A 367 -3.21 -17.73 32.71
C PHE A 367 -2.06 -17.97 31.75
N ARG A 368 -0.91 -18.44 32.27
CA ARG A 368 0.28 -18.73 31.46
C ARG A 368 0.89 -20.05 31.88
N GLU A 369 1.24 -20.92 30.92
CA GLU A 369 1.82 -22.21 31.24
C GLU A 369 3.09 -22.03 32.04
N VAL A 370 3.15 -22.80 33.13
CA VAL A 370 4.25 -22.75 34.08
C VAL A 370 5.58 -22.89 33.35
N GLY A 371 6.57 -22.06 33.75
CA GLY A 371 7.91 -22.11 33.18
C GLY A 371 8.01 -21.61 31.77
N ASN A 372 6.93 -21.06 31.24
CA ASN A 372 6.85 -20.62 29.84
C ASN A 372 6.59 -19.13 29.83
N PRO A 373 7.46 -18.31 30.42
CA PRO A 373 7.09 -16.90 30.65
C PRO A 373 6.95 -16.10 29.35
N ASP A 374 7.40 -16.65 28.22
CA ASP A 374 7.04 -16.08 26.94
C ASP A 374 5.85 -16.78 26.28
N GLY A 375 5.15 -17.61 27.05
CA GLY A 375 4.03 -18.32 26.52
C GLY A 375 2.82 -17.42 26.31
N GLU A 376 1.86 -17.94 25.54
CA GLU A 376 0.60 -17.26 25.34
C GLU A 376 -0.17 -17.19 26.66
N VAL A 377 -0.77 -16.04 26.92
CA VAL A 377 -1.61 -15.85 28.10
C VAL A 377 -3.06 -16.03 27.69
N VAL A 378 -3.79 -16.85 28.43
CA VAL A 378 -5.19 -17.14 28.14
C VAL A 378 -6.03 -16.84 29.38
N THR A 379 -7.32 -16.66 29.16
CA THR A 379 -8.26 -16.38 30.24
C THR A 379 -9.16 -17.55 30.57
N SER A 380 -9.18 -18.59 29.73
CA SER A 380 -9.92 -19.81 30.00
C SER A 380 -8.96 -20.99 29.89
N ILE A 381 -9.02 -21.89 30.87
CA ILE A 381 -8.24 -23.11 30.86
C ILE A 381 -9.19 -24.30 30.94
N TYR A 382 -8.75 -25.43 30.38
CA TYR A 382 -9.53 -26.65 30.27
C TYR A 382 -8.74 -27.77 30.93
N THR A 383 -9.43 -28.57 31.76
CA THR A 383 -8.76 -29.62 32.51
C THR A 383 -9.54 -30.92 32.37
N ASN A 384 -8.84 -31.99 32.00
CA ASN A 384 -9.46 -33.30 31.89
C ASN A 384 -10.01 -33.75 33.24
N GLU A 385 -11.10 -34.52 33.19
CA GLU A 385 -11.50 -35.27 34.37
C GLU A 385 -10.33 -36.10 34.87
N ASN A 386 -10.19 -36.18 36.19
CA ASN A 386 -9.13 -36.97 36.82
C ASN A 386 -7.76 -36.41 36.47
N ALA A 387 -7.61 -35.10 36.55
CA ALA A 387 -6.33 -34.48 36.27
C ALA A 387 -6.30 -33.11 36.91
N ALA A 388 -5.10 -32.59 37.08
CA ALA A 388 -4.91 -31.21 37.54
C ALA A 388 -4.04 -30.48 36.53
N THR A 389 -4.42 -29.24 36.22
CA THR A 389 -3.60 -28.37 35.39
C THR A 389 -3.09 -27.21 36.24
N SER A 390 -1.92 -26.69 35.89
CA SER A 390 -1.30 -25.61 36.64
C SER A 390 -0.89 -24.51 35.69
N TYR A 391 -1.06 -23.27 36.13
CA TYR A 391 -0.76 -22.09 35.33
C TYR A 391 -0.33 -20.96 36.27
N GLU A 392 0.64 -20.18 35.84
CA GLU A 392 0.92 -18.92 36.52
C GLU A 392 -0.23 -17.94 36.30
N LEU A 393 -0.64 -17.29 37.38
CA LEU A 393 -1.60 -16.20 37.32
C LEU A 393 -0.80 -14.91 37.10
N VAL A 394 -0.91 -14.35 35.90
CA VAL A 394 -0.10 -13.24 35.44
C VAL A 394 -0.90 -11.95 35.62
N VAL A 395 -0.28 -10.98 36.28
CA VAL A 395 -0.79 -9.62 36.39
C VAL A 395 0.24 -8.68 35.77
N ARG A 396 -0.18 -7.44 35.55
CA ARG A 396 0.74 -6.38 35.18
C ARG A 396 0.40 -5.14 35.99
N VAL A 397 1.43 -4.39 36.36
CA VAL A 397 1.29 -3.13 37.09
C VAL A 397 1.64 -2.00 36.15
N VAL A 398 0.78 -0.99 36.07
CA VAL A 398 1.01 0.16 35.21
C VAL A 398 0.73 1.44 35.98
N GLU A 399 1.46 2.49 35.63
CA GLU A 399 1.17 3.81 36.16
C GLU A 399 -0.17 4.31 35.61
N GLY A 400 -0.96 4.93 36.46
CA GLY A 400 -2.22 5.50 36.04
C GLY A 400 -3.41 4.62 36.38
N ASP A 401 -4.51 4.92 35.70
CA ASP A 401 -5.77 4.22 35.92
C ASP A 401 -5.89 2.94 35.08
N GLY A 402 -4.94 2.68 34.19
CA GLY A 402 -4.96 1.46 33.42
C GLY A 402 -5.94 1.44 32.27
N TYR A 403 -6.48 2.60 31.87
CA TYR A 403 -7.42 2.63 30.77
C TYR A 403 -6.75 2.39 29.42
N SER A 404 -5.46 2.69 29.30
CA SER A 404 -4.76 2.53 28.03
C SER A 404 -3.29 2.24 28.28
N LEU A 405 -2.66 1.62 27.29
CA LEU A 405 -1.25 1.28 27.30
C LEU A 405 -0.42 2.44 26.77
N PRO A 406 0.89 2.42 27.00
CA PRO A 406 1.76 3.47 26.44
C PRO A 406 1.58 3.54 24.93
N SER A 407 1.35 4.75 24.42
CA SER A 407 1.04 4.93 23.00
C SER A 407 1.76 6.13 22.41
N THR A 408 1.90 6.09 21.09
CA THR A 408 2.34 7.22 20.29
C THR A 408 1.51 7.27 19.02
N GLU A 409 1.24 8.47 18.54
CA GLU A 409 0.37 8.61 17.38
C GLU A 409 0.99 9.55 16.36
N GLY A 410 0.48 9.49 15.14
CA GLY A 410 0.97 10.35 14.10
C GLY A 410 0.19 10.18 12.81
N ASN A 411 0.76 10.69 11.73
CA ASN A 411 0.19 10.52 10.39
C ASN A 411 1.34 10.36 9.41
N ILE A 412 1.32 9.26 8.66
CA ILE A 412 2.45 8.98 7.77
C ILE A 412 2.54 9.94 6.60
N PHE A 413 1.53 10.79 6.39
CA PHE A 413 1.63 11.80 5.35
C PHE A 413 2.37 13.04 5.81
N ASP A 414 2.50 13.24 7.12
CA ASP A 414 3.25 14.36 7.65
C ASP A 414 4.74 14.18 7.38
N ASP A 415 5.49 15.25 7.57
CA ASP A 415 6.95 15.19 7.58
C ASP A 415 7.39 14.60 8.92
N ASN A 416 7.80 13.33 8.91
CA ASN A 416 8.22 12.67 10.14
C ASN A 416 9.71 12.37 10.11
N GLY A 417 10.52 13.36 9.74
CA GLY A 417 11.96 13.27 9.80
C GLY A 417 12.65 13.25 8.45
N LEU A 418 11.96 12.86 7.38
CA LEU A 418 12.57 12.74 6.08
C LEU A 418 11.73 13.40 4.99
N GLY A 419 10.70 14.13 5.34
CA GLY A 419 9.84 14.79 4.38
C GLY A 419 8.46 14.16 4.32
N ALA A 420 7.53 14.91 3.77
CA ALA A 420 6.16 14.46 3.61
C ALA A 420 6.02 13.67 2.32
N ASP A 421 5.21 12.61 2.36
CA ASP A 421 4.88 11.88 1.15
C ASP A 421 4.48 12.84 0.04
N SER A 422 4.97 12.58 -1.17
CA SER A 422 4.52 13.31 -2.35
C SER A 422 3.34 12.58 -2.96
N LEU A 423 2.29 13.33 -3.30
CA LEU A 423 1.01 12.72 -3.68
C LEU A 423 0.89 12.51 -5.18
N GLY A 424 1.71 13.17 -5.99
CA GLY A 424 1.59 13.04 -7.42
C GLY A 424 0.45 13.85 -8.00
N ALA A 425 0.39 13.93 -9.32
CA ALA A 425 -0.59 14.80 -9.97
C ALA A 425 -2.01 14.27 -9.87
N ASP A 426 -2.18 12.96 -9.69
CA ASP A 426 -3.53 12.39 -9.68
C ASP A 426 -4.27 12.69 -8.39
N GLY A 427 -3.56 12.77 -7.27
CA GLY A 427 -4.26 12.95 -6.01
C GLY A 427 -5.12 11.75 -5.66
N SER A 428 -6.09 12.01 -4.76
CA SER A 428 -6.96 10.97 -4.21
C SER A 428 -6.14 9.85 -3.58
N VAL A 429 -5.10 10.22 -2.84
CA VAL A 429 -4.18 9.24 -2.26
C VAL A 429 -4.71 8.80 -0.90
N THR A 430 -4.70 7.49 -0.68
CA THR A 430 -5.07 6.90 0.59
C THR A 430 -4.10 5.76 0.89
N VAL A 431 -4.00 5.41 2.16
CA VAL A 431 -3.24 4.23 2.55
C VAL A 431 -4.11 3.01 2.23
N VAL A 432 -3.61 2.14 1.36
CA VAL A 432 -4.33 0.93 0.98
C VAL A 432 -3.72 -0.33 1.55
N GLY A 433 -2.53 -0.27 2.12
CA GLY A 433 -1.97 -1.46 2.75
C GLY A 433 -1.05 -1.11 3.90
N VAL A 434 -1.00 -1.99 4.89
CA VAL A 434 -0.06 -1.87 6.00
C VAL A 434 0.28 -3.26 6.51
N ALA A 435 1.54 -3.47 6.87
CA ALA A 435 2.01 -4.77 7.33
C ALA A 435 3.24 -4.58 8.18
N VAL A 436 3.43 -5.48 9.15
CA VAL A 436 4.68 -5.49 9.89
C VAL A 436 5.77 -6.07 9.00
N GLY A 437 6.95 -5.46 9.04
CA GLY A 437 8.06 -5.90 8.23
C GLY A 437 8.33 -4.98 7.05
N ALA A 438 9.06 -5.51 6.07
CA ALA A 438 9.54 -4.73 4.96
C ALA A 438 8.68 -4.84 3.71
N ILE A 439 7.74 -5.79 3.66
CA ILE A 439 6.94 -6.03 2.47
C ILE A 439 5.50 -5.67 2.77
N VAL A 440 4.86 -4.98 1.82
CA VAL A 440 3.45 -4.66 1.94
C VAL A 440 2.83 -4.60 0.55
N SER A 441 1.55 -4.93 0.48
CA SER A 441 0.73 -4.71 -0.70
C SER A 441 -0.64 -4.27 -0.22
N SER A 442 -1.47 -3.83 -1.15
N SER A 442 -1.47 -3.83 -1.15
CA SER A 442 -2.86 -3.55 -0.82
CA SER A 442 -2.87 -3.55 -0.84
C SER A 442 -3.48 -4.74 -0.13
C SER A 442 -3.45 -4.76 -0.12
N ASN A 443 -3.87 -4.57 1.13
CA ASN A 443 -4.37 -5.68 1.94
C ASN A 443 -5.55 -5.19 2.78
N GLU A 444 -5.92 -6.01 3.75
CA GLU A 444 -7.11 -5.80 4.57
C GLU A 444 -6.75 -5.49 6.02
N SER A 445 -5.62 -4.79 6.23
CA SER A 445 -5.17 -4.43 7.55
C SER A 445 -5.28 -2.93 7.84
N VAL A 446 -5.57 -2.11 6.83
CA VAL A 446 -5.74 -0.68 7.07
C VAL A 446 -6.98 -0.48 7.94
N GLY A 447 -6.86 0.40 8.92
CA GLY A 447 -7.95 0.59 9.85
C GLY A 447 -8.17 -0.57 10.81
N HIS A 448 -7.30 -1.57 10.79
CA HIS A 448 -7.33 -2.68 11.71
C HIS A 448 -6.16 -2.58 12.68
N SER A 449 -6.30 -3.25 13.82
CA SER A 449 -5.19 -3.43 14.75
C SER A 449 -4.33 -4.60 14.24
N ILE A 450 -3.07 -4.33 13.95
CA ILE A 450 -2.14 -5.39 13.56
C ILE A 450 -1.06 -5.49 14.63
N GLU A 451 -0.53 -6.69 14.80
CA GLU A 451 0.42 -6.99 15.86
C GLU A 451 1.84 -6.85 15.33
N GLY A 452 2.63 -6.01 15.98
CA GLY A 452 4.03 -5.86 15.68
C GLY A 452 4.90 -6.69 16.59
N GLN A 453 6.18 -6.34 16.64
CA GLN A 453 7.11 -7.08 17.48
C GLN A 453 6.90 -6.77 18.96
N TYR A 454 6.65 -5.50 19.28
CA TYR A 454 6.51 -5.07 20.66
C TYR A 454 5.17 -4.44 20.97
N GLY A 455 4.31 -4.24 19.98
CA GLY A 455 3.03 -3.63 20.23
C GLY A 455 2.12 -3.75 19.02
N ASN A 456 1.02 -3.03 19.09
CA ASN A 456 0.00 -3.07 18.06
C ASN A 456 -0.10 -1.72 17.36
N LEU A 457 -0.40 -1.76 16.07
CA LEU A 457 -0.58 -0.57 15.26
C LEU A 457 -1.96 -0.57 14.63
N VAL A 458 -2.60 0.60 14.66
CA VAL A 458 -3.79 0.87 13.85
C VAL A 458 -3.43 2.04 12.96
N LEU A 459 -3.24 1.78 11.67
CA LEU A 459 -2.96 2.80 10.67
C LEU A 459 -4.17 2.89 9.74
N ASN A 460 -4.71 4.08 9.57
CA ASN A 460 -5.95 4.27 8.83
C ASN A 460 -5.67 4.80 7.43
N SER A 461 -6.71 4.76 6.59
CA SER A 461 -6.55 5.11 5.19
C SER A 461 -6.12 6.55 5.01
N ASP A 462 -6.49 7.43 5.94
CA ASP A 462 -6.07 8.83 5.87
C ASP A 462 -4.67 9.04 6.40
N GLY A 463 -3.94 7.97 6.72
CA GLY A 463 -2.57 8.06 7.17
C GLY A 463 -2.39 8.15 8.66
N SER A 464 -3.44 8.46 9.42
CA SER A 464 -3.32 8.56 10.86
C SER A 464 -3.08 7.18 11.46
N TYR A 465 -2.27 7.14 12.52
CA TYR A 465 -1.94 5.87 13.17
C TYR A 465 -1.79 6.07 14.67
N VAL A 466 -2.09 4.98 15.38
CA VAL A 466 -1.83 4.85 16.81
C VAL A 466 -1.05 3.55 17.02
N TYR A 467 0.08 3.65 17.71
CA TYR A 467 0.88 2.50 18.08
C TYR A 467 0.92 2.41 19.60
N ASP A 468 0.66 1.23 20.15
CA ASP A 468 0.69 1.03 21.58
C ASP A 468 1.59 -0.15 21.93
N VAL A 469 2.42 0.03 22.94
CA VAL A 469 3.37 -1.00 23.34
C VAL A 469 2.65 -2.01 24.23
N THR A 470 2.72 -3.29 23.86
CA THR A 470 2.17 -4.36 24.65
C THR A 470 3.23 -5.22 25.32
N ALA A 471 4.47 -5.18 24.84
CA ALA A 471 5.51 -6.04 25.36
C ALA A 471 5.88 -5.66 26.79
N SER A 472 6.30 -6.66 27.55
CA SER A 472 6.87 -6.41 28.86
C SER A 472 8.22 -5.73 28.72
N VAL A 473 8.52 -4.84 29.67
CA VAL A 473 9.81 -4.16 29.69
C VAL A 473 10.95 -5.13 29.43
N SER A 474 10.89 -6.30 30.06
CA SER A 474 12.00 -7.25 29.98
C SER A 474 12.23 -7.77 28.57
N ASP A 475 11.24 -7.64 27.69
CA ASP A 475 11.33 -8.13 26.32
C ASP A 475 11.67 -7.03 25.33
N ILE A 476 11.97 -5.83 25.80
CA ILE A 476 12.31 -4.70 24.93
C ILE A 476 13.82 -4.50 24.99
N PRO A 477 14.58 -4.99 24.01
CA PRO A 477 16.03 -4.85 24.06
C PRO A 477 16.47 -3.40 23.78
N ALA A 478 17.72 -3.13 24.12
CA ALA A 478 18.32 -1.85 23.76
C ALA A 478 18.23 -1.65 22.26
N GLY A 479 17.85 -0.44 21.85
CA GLY A 479 17.73 -0.15 20.43
C GLY A 479 16.58 -0.84 19.73
N ALA A 480 15.61 -1.34 20.48
CA ALA A 480 14.46 -2.01 19.88
C ALA A 480 13.76 -1.09 18.89
N THR A 481 13.25 -1.67 17.81
CA THR A 481 12.61 -0.89 16.77
C THR A 481 11.53 -1.70 16.07
N GLU A 482 10.36 -1.09 15.92
CA GLU A 482 9.32 -1.59 15.05
C GLU A 482 9.49 -0.99 13.66
N SER A 483 9.14 -1.77 12.64
CA SER A 483 9.06 -1.25 11.28
C SER A 483 7.79 -1.79 10.65
N PHE A 484 6.92 -0.87 10.20
CA PHE A 484 5.69 -1.23 9.49
C PHE A 484 5.79 -0.66 8.08
N ALA A 485 5.66 -1.52 7.08
CA ALA A 485 5.57 -1.04 5.71
C ALA A 485 4.12 -0.66 5.41
N TYR A 486 3.94 0.48 4.75
CA TYR A 486 2.63 0.92 4.31
C TYR A 486 2.68 1.28 2.83
N LEU A 487 1.54 1.13 2.17
CA LEU A 487 1.38 1.34 0.74
C LEU A 487 0.24 2.32 0.51
N ILE A 488 0.54 3.42 -0.19
CA ILE A 488 -0.43 4.42 -0.59
C ILE A 488 -0.67 4.29 -2.10
N GLN A 489 -1.85 4.77 -2.52
CA GLN A 489 -2.33 4.59 -3.88
C GLN A 489 -3.11 5.81 -4.32
N ASP A 490 -2.87 6.24 -5.56
CA ASP A 490 -3.51 7.44 -6.09
C ASP A 490 -4.75 7.06 -6.89
N GLN A 491 -5.30 8.05 -7.61
CA GLN A 491 -6.65 7.91 -8.16
C GLN A 491 -6.75 6.76 -9.15
N ASP A 492 -5.71 6.55 -9.97
CA ASP A 492 -5.77 5.54 -11.01
C ASP A 492 -4.83 4.37 -10.75
N GLY A 493 -4.46 4.13 -9.50
CA GLY A 493 -3.87 2.87 -9.09
C GLY A 493 -2.37 2.89 -8.87
N SER A 494 -1.69 3.99 -9.16
CA SER A 494 -0.27 4.08 -8.86
C SER A 494 -0.05 3.93 -7.36
N THR A 495 1.01 3.21 -6.99
CA THR A 495 1.25 2.89 -5.59
C THR A 495 2.69 3.20 -5.22
N SER A 496 2.89 3.45 -3.93
CA SER A 496 4.21 3.69 -3.38
C SER A 496 4.23 3.20 -1.94
N SER A 497 5.34 2.57 -1.55
CA SER A 497 5.49 2.05 -0.20
C SER A 497 6.57 2.81 0.56
N ALA A 498 6.39 2.89 1.87
CA ALA A 498 7.40 3.44 2.76
C ALA A 498 7.31 2.67 4.08
N ASN A 499 8.22 2.99 5.00
N ASN A 499 8.23 2.97 4.99
CA ASN A 499 8.33 2.32 6.28
CA ASN A 499 8.26 2.29 6.28
C ASN A 499 8.11 3.32 7.41
C ASN A 499 8.11 3.30 7.40
N LEU A 500 7.21 3.00 8.32
CA LEU A 500 7.06 3.71 9.58
C LEU A 500 7.92 2.98 10.60
N SER A 501 9.01 3.61 11.04
CA SER A 501 9.92 3.06 12.01
C SER A 501 9.65 3.70 13.36
N ILE A 502 9.45 2.87 14.38
CA ILE A 502 9.14 3.34 15.72
C ILE A 502 10.25 2.84 16.64
N ASN A 503 11.02 3.78 17.19
CA ASN A 503 11.97 3.43 18.24
C ASN A 503 11.20 3.12 19.51
N VAL A 504 11.40 1.93 20.05
CA VAL A 504 10.74 1.49 21.26
C VAL A 504 11.80 1.43 22.34
N GLY A 505 11.86 2.43 23.17
CA GLY A 505 12.89 2.54 24.20
C GLY A 505 12.47 2.30 25.66
N THR A 506 13.45 2.13 26.57
CA THR A 506 13.15 2.01 28.01
C THR A 506 13.91 3.12 28.79
N ASN A 507 13.43 3.53 29.95
CA ASN A 507 13.97 4.56 30.94
C ASN A 507 13.09 4.52 32.21
N ASP B 1 -24.08 -39.17 35.37
CA ASP B 1 -24.27 -39.02 36.80
C ASP B 1 -23.19 -38.13 37.43
N SER B 2 -22.06 -37.95 36.74
CA SER B 2 -20.93 -37.23 37.32
C SER B 2 -20.48 -36.09 36.41
N ASP B 3 -19.99 -35.03 37.04
CA ASP B 3 -19.49 -33.84 36.34
C ASP B 3 -18.00 -33.68 36.55
CA CA C . -3.67 17.82 -64.24
CA CA D . 4.06 8.29 -60.79
CA CA E . -2.85 9.70 -14.05
CA CA F . -1.20 7.57 -11.27
CA CA G . -7.71 7.37 -19.42
CA CA H . 5.59 9.07 5.17
CA CA I . -15.10 -32.82 37.16
CA CA J . -16.65 -32.49 33.46
CA CA K . 8.74 12.90 -52.29
CA CA L . 1.79 6.08 -57.44
CA CA M . 9.74 24.64 -46.41
CA CA N . 0.59 -22.24 54.74
CA CA O . -1.91 -20.21 52.56
CA CA P . 2.49 -15.87 51.21
CA CA Q . 10.90 11.72 -86.56
CA CA R . 6.00 10.10 19.91
OH2 1PE S . -6.21 16.08 -7.04
C12 1PE S . -7.22 15.37 -7.79
C22 1PE S . -8.00 14.33 -7.01
OH3 1PE S . -8.20 13.05 -7.62
C13 1PE S . -10.01 13.54 -9.39
C23 1PE S . -9.43 12.69 -8.27
OH4 1PE S . -11.08 12.72 -9.84
C14 1PE S . -10.02 11.83 -11.68
C24 1PE S . -11.33 12.39 -11.17
OH5 1PE S . -9.56 12.58 -12.77
C15 1PE S . -8.66 14.50 -13.91
C25 1PE S . -8.71 13.66 -12.62
OH6 1PE S . -8.68 15.81 -13.56
C16 1PE S . -9.97 17.84 -13.87
C26 1PE S . -9.23 16.69 -14.53
OH7 1PE S . -9.16 18.89 -13.25
HO2 1PE S . -5.82 16.78 -7.60
H121 1PE S . -6.69 14.91 -8.62
H122 1PE S . -7.93 16.07 -8.22
H221 1PE S . -7.48 14.16 -6.08
H222 1PE S . -8.96 14.77 -6.75
H131 1PE S . -10.46 14.41 -8.93
H132 1PE S . -9.32 13.91 -10.15
H231 1PE S . -10.19 12.66 -7.49
H232 1PE S . -9.35 11.68 -8.62
H141 1PE S . -10.24 10.82 -12.04
H142 1PE S . -9.30 11.75 -10.87
H241 1PE S . -12.10 11.63 -11.24
H242 1PE S . -11.65 13.25 -11.76
H151 1PE S . -7.76 14.29 -14.46
H152 1PE S . -9.50 14.26 -14.56
H251 1PE S . -7.71 13.34 -12.35
H252 1PE S . -9.06 14.27 -11.79
H161 1PE S . -10.64 17.42 -13.13
H162 1PE S . -10.62 18.30 -14.62
H261 1PE S . -8.41 17.05 -15.14
H262 1PE S . -9.90 16.15 -15.18
HO7 1PE S . -9.71 19.44 -12.67
OH2 1PE T . -12.74 -38.35 52.76
C12 1PE T . -12.76 -39.10 51.51
C22 1PE T . -12.55 -38.18 50.28
OH3 1PE T . -13.20 -36.99 50.53
C13 1PE T . -13.65 -34.89 51.39
C23 1PE T . -12.66 -35.67 50.54
OH4 1PE T . -14.77 -34.53 50.75
C14 1PE T . -17.05 -34.35 50.86
C24 1PE T . -15.76 -34.06 51.57
OH5 1PE T . -17.60 -35.58 51.20
C15 1PE T . -19.42 -37.04 50.74
C25 1PE T . -18.96 -35.66 50.98
OH6 1PE T . -18.93 -37.90 51.72
C16 1PE T . -19.65 -39.13 53.76
C26 1PE T . -19.82 -37.96 52.81
OH7 1PE T . -20.32 -38.73 54.99
HO2 1PE T . -11.89 -37.92 52.89
H121 1PE T . -11.97 -39.86 51.55
H122 1PE T . -13.69 -39.64 51.42
H221 1PE T . -11.51 -38.02 50.08
H222 1PE T . -13.01 -38.67 49.44
H131 1PE T . -13.92 -35.49 52.25
H132 1PE T . -13.13 -34.01 51.72
H231 1PE T . -12.65 -35.23 49.55
H232 1PE T . -11.67 -35.60 50.96
H141 1PE T . -17.76 -33.56 51.06
H142 1PE T . -16.83 -34.33 49.80
H241 1PE T . -15.77 -34.55 52.53
H242 1PE T . -15.63 -33.00 51.74
H151 1PE T . -20.50 -37.07 50.67
H152 1PE T . -19.04 -37.35 49.78
H251 1PE T . -19.52 -35.31 51.85
H252 1PE T . -19.27 -35.02 50.14
H161 1PE T . -18.59 -39.36 53.96
H162 1PE T . -20.10 -40.01 53.31
H261 1PE T . -20.84 -38.04 52.45
H262 1PE T . -19.69 -37.03 53.36
HO7 1PE T . -19.72 -38.29 55.60
#